data_4G1W
#
_entry.id   4G1W
#
_cell.length_a   62.008
_cell.length_b   80.308
_cell.length_c   85.102
_cell.angle_alpha   90.00
_cell.angle_beta   90.00
_cell.angle_gamma   90.00
#
_symmetry.space_group_name_H-M   'P 21 21 21'
#
loop_
_entity.id
_entity.type
_entity.pdbx_description
1 polymer 'Mitogen-activated protein kinase 8'
2 polymer 'C-Jun-amino-terminal kinase-interacting protein 1'
3 non-polymer 'methyl 7-fluoro-3-{4-[(2-hydroxyethyl)sulfonyl]benzyl}-4-oxo-1-phenyl-1,4-dihydroquinoline-2-carboxylate'
4 water water
#
loop_
_entity_poly.entity_id
_entity_poly.type
_entity_poly.pdbx_seq_one_letter_code
_entity_poly.pdbx_strand_id
1 'polypeptide(L)'
;MSRSKRDNNFYSVEIGDSTFTVLKRYQNLKPIGSGAQGIVCAAYDAILERNVAIKKLSRPFQNQTHAKRAYRELVLMKCV
NHKNIIGLLNVFTPQKSLEEFQDVYIVMELMDANLCQVIQMELDHERMSYLLYQMLCGIKHLHSAGIIHRDLKPSNIVVK
SDCTLKILDFGLARTAGTSFMMTPYVVTRYYRAPEVILGMGYKENVDIWSVGCIMGEMIKGGVLFPGTDHIDQWNKVIEQ
LGTPCPEFMKKLQPTVRTYVENRPKYAGYSFEKLFPDVLFPADSEHNKLKASQARDLLSKMLVIDASKRISVDEALQHPY
INVWYDPSEAEAPPPKIPDKQLDEREHTIEEWKELIYKEVMDLHHHHHH
;
A
2 'polypeptide(L)' RPKRPTTLNLF B
#
# COMPACT_ATOMS: atom_id res chain seq x y z
N ASN A 8 -35.98 1.91 -8.14
CA ASN A 8 -36.27 3.04 -9.06
C ASN A 8 -35.13 4.03 -9.06
N ASN A 9 -34.48 4.13 -7.89
CA ASN A 9 -33.21 4.85 -7.74
C ASN A 9 -32.02 4.03 -8.22
N PHE A 10 -32.27 2.78 -8.62
CA PHE A 10 -31.20 1.88 -9.06
C PHE A 10 -31.32 1.47 -10.53
N TYR A 11 -30.19 1.05 -11.08
CA TYR A 11 -30.16 0.38 -12.38
C TYR A 11 -29.01 -0.64 -12.38
N SER A 12 -29.17 -1.67 -13.20
CA SER A 12 -28.23 -2.76 -13.28
C SER A 12 -27.40 -2.73 -14.56
N VAL A 13 -26.13 -3.11 -14.45
CA VAL A 13 -25.24 -3.27 -15.60
C VAL A 13 -24.49 -4.55 -15.38
N GLU A 14 -24.36 -5.35 -16.43
CA GLU A 14 -23.62 -6.59 -16.34
C GLU A 14 -22.15 -6.32 -16.61
N ILE A 15 -21.32 -6.72 -15.66
CA ILE A 15 -19.88 -6.61 -15.80
C ILE A 15 -19.27 -8.04 -15.73
N GLY A 16 -18.92 -8.60 -16.88
CA GLY A 16 -18.55 -10.02 -16.93
C GLY A 16 -19.69 -10.86 -16.38
N ASP A 17 -19.39 -11.71 -15.38
CA ASP A 17 -20.41 -12.60 -14.76
C ASP A 17 -21.10 -11.92 -13.58
N SER A 18 -20.72 -10.69 -13.36
CA SER A 18 -21.14 -9.92 -12.21
C SER A 18 -22.19 -8.89 -12.64
N THR A 19 -23.25 -8.79 -11.83
CA THR A 19 -24.32 -7.79 -11.98
C THR A 19 -24.11 -6.68 -10.98
N PHE A 20 -23.88 -5.46 -11.48
CA PHE A 20 -23.70 -4.28 -10.65
C PHE A 20 -24.97 -3.44 -10.62
N THR A 21 -25.68 -3.47 -9.50
CA THR A 21 -26.89 -2.64 -9.33
C THR A 21 -26.57 -1.41 -8.48
N VAL A 22 -26.52 -0.25 -9.12
CA VAL A 22 -26.01 0.97 -8.46
C VAL A 22 -26.97 2.17 -8.53
N LEU A 23 -26.65 3.24 -7.81
CA LEU A 23 -27.50 4.41 -7.84
C LEU A 23 -27.32 5.08 -9.21
N LYS A 24 -28.39 5.70 -9.69
CA LYS A 24 -28.38 6.27 -11.04
C LYS A 24 -27.32 7.35 -11.28
N ARG A 25 -26.88 8.01 -10.22
CA ARG A 25 -25.77 8.97 -10.31
C ARG A 25 -24.47 8.41 -10.92
N TYR A 26 -24.22 7.11 -10.76
CA TYR A 26 -23.01 6.44 -11.27
C TYR A 26 -23.19 5.90 -12.69
N GLN A 27 -22.41 6.46 -13.60
CA GLN A 27 -22.65 6.22 -15.00
C GLN A 27 -21.40 5.68 -15.66
N ASN A 28 -21.59 4.95 -16.76
CA ASN A 28 -20.50 4.46 -17.60
C ASN A 28 -19.51 3.57 -16.85
N LEU A 29 -20.03 2.57 -16.13
CA LEU A 29 -19.22 1.57 -15.44
C LEU A 29 -18.45 0.67 -16.40
N LYS A 30 -17.14 0.60 -16.18
CA LYS A 30 -16.31 -0.36 -16.89
C LYS A 30 -15.35 -0.98 -15.87
N PRO A 31 -14.96 -2.25 -16.05
CA PRO A 31 -14.10 -2.89 -15.05
C PRO A 31 -12.67 -2.36 -15.17
N ILE A 32 -11.98 -2.20 -14.05
CA ILE A 32 -10.57 -1.77 -14.07
C ILE A 32 -9.61 -2.75 -13.36
N GLY A 33 -10.16 -3.72 -12.64
CA GLY A 33 -9.33 -4.79 -12.09
C GLY A 33 -10.10 -5.55 -11.03
N SER A 34 -9.48 -6.59 -10.50
CA SER A 34 -10.07 -7.35 -9.39
C SER A 34 -9.04 -7.79 -8.38
N GLY A 35 -9.53 -8.03 -7.16
CA GLY A 35 -8.78 -8.70 -6.11
C GLY A 35 -9.69 -9.79 -5.61
N ALA A 36 -9.26 -10.46 -4.54
CA ALA A 36 -10.06 -11.53 -3.94
C ALA A 36 -11.22 -10.90 -3.18
N GLN A 37 -11.16 -9.58 -3.05
CA GLN A 37 -12.16 -8.85 -2.28
C GLN A 37 -13.22 -8.17 -3.14
N GLY A 38 -13.32 -8.58 -4.41
CA GLY A 38 -14.39 -8.11 -5.30
C GLY A 38 -13.95 -7.38 -6.57
N ILE A 39 -14.90 -7.16 -7.45
CA ILE A 39 -14.64 -6.51 -8.75
C ILE A 39 -14.75 -5.01 -8.56
N VAL A 40 -13.91 -4.28 -9.29
CA VAL A 40 -13.83 -2.81 -9.21
C VAL A 40 -14.17 -2.15 -10.56
N CYS A 41 -15.20 -1.29 -10.57
CA CYS A 41 -15.51 -0.55 -11.79
C CYS A 41 -15.14 0.90 -11.66
N ALA A 42 -14.69 1.50 -12.76
CA ALA A 42 -14.59 2.97 -12.82
C ALA A 42 -15.95 3.46 -13.27
N ALA A 43 -16.35 4.63 -12.78
CA ALA A 43 -17.64 5.22 -13.10
C ALA A 43 -17.58 6.74 -12.95
N TYR A 44 -18.49 7.42 -13.63
CA TYR A 44 -18.63 8.85 -13.46
C TYR A 44 -19.77 9.12 -12.49
N ASP A 45 -19.47 9.84 -11.41
CA ASP A 45 -20.50 10.27 -10.47
C ASP A 45 -21.10 11.56 -11.01
N ALA A 46 -22.33 11.51 -11.53
CA ALA A 46 -23.01 12.71 -12.06
C ALA A 46 -23.18 13.80 -10.99
N ILE A 47 -23.48 13.37 -9.76
CA ILE A 47 -23.80 14.30 -8.69
C ILE A 47 -22.56 15.05 -8.24
N LEU A 48 -21.45 14.35 -8.05
CA LEU A 48 -20.19 14.99 -7.71
C LEU A 48 -19.43 15.53 -8.94
N GLU A 49 -19.82 15.11 -10.14
CA GLU A 49 -19.14 15.53 -11.37
C GLU A 49 -17.65 15.18 -11.36
N ARG A 50 -17.36 13.89 -11.22
CA ARG A 50 -16.00 13.36 -11.18
C ARG A 50 -16.01 11.83 -11.32
N ASN A 51 -14.86 11.28 -11.70
CA ASN A 51 -14.71 9.83 -11.79
C ASN A 51 -14.52 9.19 -10.40
N VAL A 52 -15.09 8.00 -10.23
CA VAL A 52 -15.01 7.28 -8.96
C VAL A 52 -14.76 5.79 -9.20
N ALA A 53 -14.34 5.09 -8.15
CA ALA A 53 -14.21 3.64 -8.18
C ALA A 53 -15.38 3.10 -7.38
N ILE A 54 -16.01 2.07 -7.93
CA ILE A 54 -17.08 1.35 -7.25
C ILE A 54 -16.61 -0.08 -7.05
N LYS A 55 -16.66 -0.52 -5.80
CA LYS A 55 -16.20 -1.85 -5.48
C LYS A 55 -17.40 -2.58 -4.95
N LYS A 56 -17.69 -3.73 -5.52
CA LYS A 56 -18.79 -4.55 -5.04
C LYS A 56 -18.19 -5.66 -4.20
N LEU A 57 -18.59 -5.72 -2.93
CA LEU A 57 -17.98 -6.71 -2.02
C LEU A 57 -18.36 -8.15 -2.38
N SER A 58 -17.30 -8.99 -2.52
CA SER A 58 -17.40 -10.43 -2.76
C SER A 58 -17.85 -11.21 -1.49
N ARG A 59 -19.06 -11.79 -1.53
CA ARG A 59 -19.62 -12.64 -0.46
C ARG A 59 -19.28 -12.11 0.94
N PRO A 60 -19.92 -11.00 1.37
CA PRO A 60 -19.50 -10.34 2.61
C PRO A 60 -19.81 -11.16 3.88
N PHE A 61 -20.97 -11.82 3.93
CA PHE A 61 -21.29 -12.67 5.09
C PHE A 61 -21.41 -14.14 4.76
N GLN A 62 -20.65 -14.57 3.74
CA GLN A 62 -20.58 -15.96 3.34
C GLN A 62 -20.14 -16.77 4.57
N ASN A 63 -19.21 -16.19 5.34
CA ASN A 63 -18.68 -16.79 6.56
C ASN A 63 -18.15 -15.71 7.50
N GLN A 64 -17.70 -16.12 8.68
CA GLN A 64 -17.23 -15.19 9.71
C GLN A 64 -15.92 -14.49 9.36
N THR A 65 -15.03 -15.19 8.66
CA THR A 65 -13.77 -14.59 8.18
C THR A 65 -14.03 -13.41 7.23
N HIS A 66 -14.84 -13.66 6.19
CA HIS A 66 -15.29 -12.65 5.23
C HIS A 66 -15.99 -11.49 5.95
N ALA A 67 -16.90 -11.83 6.85
CA ALA A 67 -17.75 -10.86 7.52
C ALA A 67 -16.91 -9.90 8.34
N LYS A 68 -16.00 -10.46 9.13
CA LYS A 68 -15.10 -9.67 9.95
C LYS A 68 -14.23 -8.75 9.07
N ARG A 69 -13.82 -9.24 7.90
CA ARG A 69 -13.03 -8.43 6.95
C ARG A 69 -13.81 -7.28 6.37
N ALA A 70 -15.00 -7.57 5.86
CA ALA A 70 -15.86 -6.52 5.32
C ALA A 70 -16.14 -5.45 6.38
N TYR A 71 -16.42 -5.89 7.60
CA TYR A 71 -16.76 -4.98 8.67
C TYR A 71 -15.60 -4.03 9.04
N ARG A 72 -14.41 -4.61 9.22
CA ARG A 72 -13.19 -3.86 9.53
C ARG A 72 -12.85 -2.87 8.41
N GLU A 73 -12.92 -3.32 7.16
CA GLU A 73 -12.68 -2.45 6.04
C GLU A 73 -13.61 -1.25 6.06
N LEU A 74 -14.90 -1.49 6.27
CA LEU A 74 -15.88 -0.42 6.30
C LEU A 74 -15.63 0.62 7.38
N VAL A 75 -15.37 0.15 8.60
CA VAL A 75 -15.23 1.03 9.76
C VAL A 75 -13.97 1.88 9.63
N LEU A 76 -12.84 1.25 9.28
CA LEU A 76 -11.59 1.96 9.03
C LEU A 76 -11.74 3.00 7.93
N MET A 77 -12.45 2.67 6.85
CA MET A 77 -12.67 3.63 5.76
C MET A 77 -13.45 4.86 6.18
N LYS A 78 -14.29 4.69 7.20
CA LYS A 78 -15.09 5.79 7.73
C LYS A 78 -14.31 6.70 8.67
N CYS A 79 -13.16 6.22 9.15
CA CYS A 79 -12.39 6.94 10.16
C CYS A 79 -11.10 7.58 9.64
N VAL A 80 -10.48 6.99 8.61
CA VAL A 80 -9.26 7.53 7.98
C VAL A 80 -9.62 8.56 6.88
N ASN A 81 -8.99 9.74 6.94
CA ASN A 81 -9.21 10.82 5.98
C ASN A 81 -7.93 11.63 5.72
N HIS A 82 -7.34 11.45 4.53
CA HIS A 82 -6.06 12.05 4.20
C HIS A 82 -5.86 11.99 2.69
N LYS A 83 -5.35 13.09 2.12
CA LYS A 83 -5.13 13.23 0.66
C LYS A 83 -4.20 12.16 0.05
N ASN A 84 -3.39 11.51 0.88
CA ASN A 84 -2.45 10.50 0.40
C ASN A 84 -2.93 9.07 0.69
N ILE A 85 -4.24 8.94 0.91
CA ILE A 85 -4.90 7.66 1.13
C ILE A 85 -6.22 7.70 0.37
N ILE A 86 -6.57 6.61 -0.30
CA ILE A 86 -7.80 6.57 -1.09
C ILE A 86 -8.98 6.74 -0.13
N GLY A 87 -9.81 7.76 -0.37
CA GLY A 87 -10.93 8.06 0.51
C GLY A 87 -12.24 7.40 0.15
N LEU A 88 -13.13 7.33 1.14
CA LEU A 88 -14.48 6.82 0.95
C LEU A 88 -15.36 7.95 0.47
N LEU A 89 -16.09 7.73 -0.62
CA LEU A 89 -17.05 8.74 -1.06
C LEU A 89 -18.47 8.36 -0.67
N ASN A 90 -18.79 7.05 -0.67
CA ASN A 90 -20.17 6.62 -0.39
C ASN A 90 -20.19 5.14 -0.09
N VAL A 91 -21.23 4.71 0.62
CA VAL A 91 -21.50 3.30 0.84
C VAL A 91 -22.99 3.10 0.63
N PHE A 92 -23.40 2.07 -0.11
CA PHE A 92 -24.83 1.80 -0.31
C PHE A 92 -25.10 0.34 -0.62
N THR A 93 -26.36 -0.05 -0.43
CA THR A 93 -26.87 -1.36 -0.87
C THR A 93 -28.18 -1.16 -1.65
N PRO A 94 -28.38 -1.92 -2.73
CA PRO A 94 -29.69 -1.81 -3.39
C PRO A 94 -30.83 -2.57 -2.70
N GLN A 95 -30.52 -3.41 -1.72
CA GLN A 95 -31.59 -4.11 -1.03
C GLN A 95 -32.29 -3.21 0.01
N LYS A 96 -33.59 -3.43 0.17
CA LYS A 96 -34.43 -2.49 0.93
C LYS A 96 -34.60 -2.80 2.42
N SER A 97 -34.19 -3.99 2.85
CA SER A 97 -34.29 -4.37 4.26
C SER A 97 -33.18 -5.31 4.65
N LEU A 98 -33.11 -5.64 5.94
CA LEU A 98 -32.10 -6.54 6.47
C LEU A 98 -32.28 -7.96 5.98
N GLU A 99 -33.53 -8.37 5.79
CA GLU A 99 -33.85 -9.72 5.37
C GLU A 99 -33.39 -10.00 3.93
N GLU A 100 -33.57 -9.01 3.06
CA GLU A 100 -33.15 -9.11 1.65
C GLU A 100 -31.66 -8.83 1.48
N PHE A 101 -31.10 -7.98 2.34
CA PHE A 101 -29.69 -7.55 2.31
C PHE A 101 -28.68 -8.60 1.82
N GLN A 102 -28.06 -8.35 0.65
CA GLN A 102 -27.07 -9.27 0.05
C GLN A 102 -25.74 -8.58 -0.24
N ASP A 103 -25.83 -7.43 -0.89
CA ASP A 103 -24.67 -6.78 -1.47
C ASP A 103 -24.34 -5.43 -0.84
N VAL A 104 -23.05 -5.17 -0.72
CA VAL A 104 -22.54 -3.89 -0.29
C VAL A 104 -21.67 -3.29 -1.40
N TYR A 105 -21.91 -2.01 -1.72
CA TYR A 105 -21.08 -1.30 -2.68
C TYR A 105 -20.28 -0.19 -2.02
N ILE A 106 -19.00 -0.09 -2.35
CA ILE A 106 -18.14 0.95 -1.76
C ILE A 106 -17.61 1.88 -2.85
N VAL A 107 -17.97 3.16 -2.73
CA VAL A 107 -17.62 4.14 -3.75
C VAL A 107 -16.41 4.92 -3.23
N MET A 108 -15.31 4.89 -3.98
CA MET A 108 -14.06 5.52 -3.54
C MET A 108 -13.49 6.45 -4.62
N GLU A 109 -12.52 7.27 -4.23
CA GLU A 109 -11.84 8.13 -5.19
C GLU A 109 -11.12 7.26 -6.23
N LEU A 110 -11.08 7.76 -7.47
CA LEU A 110 -10.42 7.09 -8.57
C LEU A 110 -9.17 7.86 -8.95
N MET A 111 -8.05 7.16 -9.14
CA MET A 111 -6.83 7.81 -9.64
C MET A 111 -6.63 7.53 -11.15
N ASP A 112 -5.39 7.45 -11.65
CA ASP A 112 -5.20 7.22 -13.10
C ASP A 112 -4.44 5.94 -13.44
N ALA A 113 -3.54 5.52 -12.54
CA ALA A 113 -2.74 4.30 -12.74
C ALA A 113 -2.18 3.85 -11.39
N ASN A 114 -1.69 2.62 -11.30
CA ASN A 114 -0.93 2.22 -10.13
C ASN A 114 0.52 2.52 -10.41
N LEU A 115 1.42 2.21 -9.48
CA LEU A 115 2.84 2.49 -9.72
C LEU A 115 3.54 1.54 -10.67
N CYS A 116 3.01 0.35 -10.89
CA CYS A 116 3.69 -0.69 -11.70
C CYS A 116 4.46 -0.12 -12.87
N GLN A 117 3.78 0.67 -13.71
CA GLN A 117 4.38 1.23 -14.92
C GLN A 117 5.27 2.42 -14.58
N VAL A 118 4.69 3.40 -13.90
CA VAL A 118 5.38 4.65 -13.56
C VAL A 118 6.82 4.44 -13.09
N ILE A 119 7.06 3.40 -12.30
CA ILE A 119 8.38 3.25 -11.67
C ILE A 119 9.49 2.78 -12.61
N GLN A 120 9.11 2.14 -13.71
CA GLN A 120 10.10 1.71 -14.70
C GLN A 120 10.37 2.75 -15.77
N MET A 121 9.48 3.74 -15.87
CA MET A 121 9.77 4.92 -16.68
C MET A 121 10.62 5.86 -15.82
N GLU A 122 11.93 5.82 -16.04
CA GLU A 122 12.89 6.59 -15.26
C GLU A 122 12.41 8.02 -14.99
N LEU A 123 12.50 8.42 -13.73
CA LEU A 123 12.08 9.76 -13.32
C LEU A 123 13.30 10.55 -12.91
N ASP A 124 13.06 11.82 -12.61
CA ASP A 124 14.09 12.71 -12.10
C ASP A 124 13.96 12.75 -10.60
N HIS A 125 14.89 13.43 -9.95
CA HIS A 125 14.90 13.59 -8.49
C HIS A 125 13.68 14.31 -7.93
N GLU A 126 13.13 15.27 -8.67
CA GLU A 126 11.98 16.05 -8.17
C GLU A 126 10.73 15.17 -8.05
N ARG A 127 10.43 14.42 -9.11
CA ARG A 127 9.25 13.56 -9.14
C ARG A 127 9.38 12.36 -8.19
N MET A 128 10.54 11.71 -8.22
CA MET A 128 10.87 10.61 -7.30
C MET A 128 10.68 11.00 -5.83
N SER A 129 11.44 12.00 -5.39
CA SER A 129 11.40 12.48 -4.01
C SER A 129 10.00 12.94 -3.61
N TYR A 130 9.28 13.57 -4.54
CA TYR A 130 7.92 14.03 -4.25
C TYR A 130 6.90 12.89 -4.06
N LEU A 131 6.98 11.87 -4.92
CA LEU A 131 6.12 10.69 -4.79
C LEU A 131 6.37 9.99 -3.45
N LEU A 132 7.64 9.76 -3.15
CA LEU A 132 8.07 9.18 -1.88
C LEU A 132 7.57 10.00 -0.69
N TYR A 133 7.52 11.32 -0.86
CA TYR A 133 7.12 12.20 0.22
C TYR A 133 5.66 11.93 0.50
N GLN A 134 4.87 11.86 -0.57
CA GLN A 134 3.44 11.54 -0.49
C GLN A 134 3.16 10.17 0.09
N MET A 135 3.95 9.17 -0.30
CA MET A 135 3.85 7.82 0.25
C MET A 135 4.01 7.87 1.76
N LEU A 136 5.06 8.54 2.23
CA LEU A 136 5.40 8.58 3.65
C LEU A 136 4.39 9.36 4.51
N CYS A 137 3.77 10.40 3.94
CA CYS A 137 2.67 11.12 4.59
C CYS A 137 1.46 10.20 4.79
N GLY A 138 1.08 9.47 3.73
CA GLY A 138 0.01 8.48 3.79
C GLY A 138 0.33 7.42 4.84
N ILE A 139 1.54 6.88 4.81
CA ILE A 139 1.94 5.86 5.76
C ILE A 139 1.85 6.41 7.17
N LYS A 140 2.48 7.56 7.41
CA LYS A 140 2.45 8.19 8.74
C LYS A 140 1.01 8.34 9.25
N HIS A 141 0.11 8.77 8.38
CA HIS A 141 -1.27 8.92 8.76
C HIS A 141 -1.90 7.56 9.12
N LEU A 142 -1.60 6.53 8.37
CA LEU A 142 -2.11 5.19 8.70
C LEU A 142 -1.65 4.77 10.09
N HIS A 143 -0.34 4.87 10.33
CA HIS A 143 0.25 4.57 11.66
C HIS A 143 -0.39 5.36 12.79
N SER A 144 -0.70 6.64 12.54
CA SER A 144 -1.31 7.46 13.57
C SER A 144 -2.71 6.95 13.88
N ALA A 145 -3.39 6.36 12.90
CA ALA A 145 -4.70 5.76 13.13
C ALA A 145 -4.58 4.35 13.70
N GLY A 146 -3.37 3.94 14.05
CA GLY A 146 -3.10 2.62 14.61
C GLY A 146 -3.09 1.53 13.56
N ILE A 147 -2.79 1.88 12.30
CA ILE A 147 -2.78 0.91 11.19
C ILE A 147 -1.38 0.73 10.59
N ILE A 148 -0.85 -0.49 10.68
CA ILE A 148 0.42 -0.83 10.10
C ILE A 148 0.12 -1.68 8.86
N HIS A 149 0.58 -1.23 7.70
CA HIS A 149 0.13 -1.79 6.41
C HIS A 149 0.76 -3.15 6.17
N ARG A 150 2.10 -3.20 6.13
CA ARG A 150 2.86 -4.46 6.01
C ARG A 150 2.87 -5.07 4.61
N ASP A 151 1.94 -4.65 3.75
CA ASP A 151 1.91 -5.18 2.40
C ASP A 151 1.96 -4.11 1.31
N LEU A 152 2.85 -3.13 1.50
CA LEU A 152 2.99 -2.05 0.55
C LEU A 152 3.78 -2.55 -0.63
N LYS A 153 3.27 -2.27 -1.83
CA LYS A 153 3.90 -2.70 -3.08
C LYS A 153 3.38 -1.83 -4.22
N PRO A 154 4.00 -1.84 -5.44
CA PRO A 154 3.58 -0.84 -6.45
C PRO A 154 2.17 -1.09 -6.97
N SER A 155 1.64 -2.32 -6.79
CA SER A 155 0.28 -2.64 -7.30
C SER A 155 -0.85 -2.04 -6.48
N ASN A 156 -0.56 -1.71 -5.21
CA ASN A 156 -1.56 -1.04 -4.34
C ASN A 156 -1.18 0.41 -3.96
N ILE A 157 -0.51 1.11 -4.89
CA ILE A 157 -0.19 2.53 -4.74
C ILE A 157 -0.51 3.25 -6.04
N VAL A 158 -1.53 4.11 -6.01
CA VAL A 158 -2.04 4.74 -7.23
C VAL A 158 -1.66 6.22 -7.41
N VAL A 159 -1.45 6.61 -8.67
CA VAL A 159 -0.99 7.97 -9.02
C VAL A 159 -1.86 8.57 -10.08
N LYS A 160 -1.92 9.90 -10.09
CA LYS A 160 -2.59 10.66 -11.13
C LYS A 160 -1.57 11.39 -11.99
N SER A 161 -2.00 11.71 -13.22
CA SER A 161 -1.16 12.39 -14.21
C SER A 161 -0.75 13.82 -13.83
N ASP A 162 -1.33 14.36 -12.74
CA ASP A 162 -0.81 15.59 -12.09
C ASP A 162 0.24 15.29 -10.97
N CYS A 163 0.73 14.03 -10.85
CA CYS A 163 1.85 13.66 -9.96
C CYS A 163 1.49 13.51 -8.46
N THR A 164 0.20 13.45 -8.15
CA THR A 164 -0.28 13.16 -6.79
C THR A 164 -0.37 11.64 -6.62
N LEU A 165 -0.33 11.17 -5.37
CA LEU A 165 -0.22 9.75 -5.08
C LEU A 165 -1.06 9.35 -3.87
N LYS A 166 -1.69 8.17 -3.92
CA LYS A 166 -2.50 7.67 -2.81
C LYS A 166 -2.25 6.20 -2.56
N ILE A 167 -2.15 5.84 -1.30
CA ILE A 167 -2.09 4.44 -0.92
C ILE A 167 -3.49 3.87 -1.05
N LEU A 168 -3.59 2.67 -1.63
CA LEU A 168 -4.90 2.08 -1.96
C LEU A 168 -5.71 1.52 -0.80
N ASP A 169 -5.05 0.76 0.06
CA ASP A 169 -5.81 0.09 1.13
C ASP A 169 -5.04 -0.01 2.45
N PHE A 170 -5.53 -0.84 3.35
CA PHE A 170 -4.94 -0.95 4.69
C PHE A 170 -4.05 -2.21 4.88
N GLY A 171 -3.72 -2.89 3.78
CA GLY A 171 -2.87 -4.09 3.79
C GLY A 171 -3.34 -5.19 4.73
N LEU A 172 -2.38 -5.97 5.23
CA LEU A 172 -2.66 -7.08 6.15
C LEU A 172 -3.19 -6.58 7.50
N THR A 188 3.16 -11.69 -5.16
CA THR A 188 4.29 -10.74 -4.88
C THR A 188 4.70 -10.81 -3.41
N ARG A 189 5.89 -11.36 -3.17
CA ARG A 189 6.48 -11.44 -1.84
C ARG A 189 7.68 -10.51 -1.79
N TYR A 190 7.90 -9.77 -2.88
CA TYR A 190 9.15 -9.04 -3.10
C TYR A 190 9.41 -7.84 -2.17
N TYR A 191 8.35 -7.32 -1.56
CA TYR A 191 8.46 -6.07 -0.81
C TYR A 191 8.25 -6.20 0.68
N ARG A 192 8.10 -7.42 1.20
CA ARG A 192 7.85 -7.61 2.63
C ARG A 192 9.11 -7.57 3.48
N ALA A 193 9.01 -6.90 4.62
CA ALA A 193 10.15 -6.76 5.52
C ALA A 193 10.66 -8.13 6.03
N PRO A 194 11.97 -8.24 6.32
CA PRO A 194 12.55 -9.38 7.01
C PRO A 194 11.76 -9.88 8.22
N GLU A 195 11.22 -8.97 9.04
CA GLU A 195 10.40 -9.36 10.20
C GLU A 195 9.22 -10.23 9.75
N VAL A 196 8.64 -9.88 8.61
CA VAL A 196 7.49 -10.60 8.05
C VAL A 196 7.92 -11.88 7.34
N ILE A 197 8.90 -11.77 6.44
CA ILE A 197 9.48 -12.94 5.73
C ILE A 197 9.74 -14.07 6.73
N LEU A 198 10.72 -13.88 7.61
CA LEU A 198 10.94 -14.76 8.75
C LEU A 198 9.71 -14.64 9.66
N GLY A 199 9.74 -15.12 10.89
CA GLY A 199 8.49 -15.03 11.66
C GLY A 199 8.59 -14.11 12.86
N MET A 200 9.29 -12.98 12.69
CA MET A 200 9.57 -12.08 13.82
C MET A 200 8.35 -11.22 14.15
N GLY A 201 8.43 -10.46 15.24
CA GLY A 201 7.44 -9.38 15.50
C GLY A 201 7.79 -8.16 14.66
N TYR A 202 6.96 -7.12 14.73
CA TYR A 202 7.19 -5.92 13.91
C TYR A 202 6.69 -4.64 14.58
N LYS A 203 7.14 -3.51 14.05
CA LYS A 203 6.73 -2.20 14.53
C LYS A 203 6.42 -1.33 13.33
N GLU A 204 6.19 -0.04 13.57
CA GLU A 204 5.92 0.95 12.51
C GLU A 204 6.87 0.94 11.30
N ASN A 205 8.19 0.89 11.54
CA ASN A 205 9.19 0.94 10.45
C ASN A 205 9.28 -0.30 9.55
N VAL A 206 8.46 -1.31 9.83
CA VAL A 206 8.27 -2.43 8.90
C VAL A 206 7.86 -1.92 7.51
N ASP A 207 6.98 -0.92 7.50
CA ASP A 207 6.51 -0.30 6.27
C ASP A 207 7.62 0.46 5.55
N ILE A 208 8.61 0.95 6.29
CA ILE A 208 9.79 1.60 5.71
C ILE A 208 10.63 0.63 4.81
N TRP A 209 10.69 -0.65 5.16
CA TRP A 209 11.38 -1.62 4.29
C TRP A 209 10.78 -1.60 2.87
N SER A 210 9.45 -1.54 2.77
CA SER A 210 8.75 -1.53 1.48
C SER A 210 9.03 -0.26 0.69
N VAL A 211 9.10 0.88 1.37
CA VAL A 211 9.43 2.16 0.71
C VAL A 211 10.84 2.08 0.11
N GLY A 212 11.74 1.41 0.83
CA GLY A 212 13.11 1.18 0.35
C GLY A 212 13.18 0.32 -0.91
N CYS A 213 12.42 -0.76 -0.95
CA CYS A 213 12.31 -1.64 -2.13
C CYS A 213 11.71 -0.90 -3.33
N ILE A 214 10.64 -0.12 -3.11
CA ILE A 214 10.04 0.73 -4.16
C ILE A 214 10.96 1.87 -4.65
N MET A 215 11.53 2.63 -3.71
CA MET A 215 12.55 3.63 -4.06
C MET A 215 13.70 2.98 -4.84
N GLY A 216 14.13 1.80 -4.36
CA GLY A 216 15.21 1.03 -4.98
C GLY A 216 14.91 0.65 -6.41
N GLU A 217 13.69 0.16 -6.63
CA GLU A 217 13.21 -0.20 -7.97
C GLU A 217 13.23 1.01 -8.90
N MET A 218 12.47 2.06 -8.57
CA MET A 218 12.49 3.32 -9.33
C MET A 218 13.89 3.68 -9.83
N ILE A 219 14.90 3.43 -9.00
CA ILE A 219 16.28 3.77 -9.34
C ILE A 219 16.96 2.76 -10.27
N LYS A 220 17.04 1.49 -9.87
CA LYS A 220 17.83 0.51 -10.65
C LYS A 220 17.05 -0.08 -11.86
N GLY A 221 15.76 0.25 -11.94
CA GLY A 221 14.93 -0.17 -13.06
C GLY A 221 14.24 -1.51 -12.90
N GLY A 222 14.55 -2.24 -11.83
CA GLY A 222 13.94 -3.56 -11.61
C GLY A 222 13.84 -3.97 -10.15
N VAL A 223 13.08 -5.02 -9.90
CA VAL A 223 12.86 -5.54 -8.54
C VAL A 223 14.18 -5.84 -7.77
N LEU A 224 14.31 -5.29 -6.56
CA LEU A 224 15.53 -5.44 -5.76
C LEU A 224 15.79 -6.88 -5.36
N PHE A 225 14.73 -7.53 -4.86
CA PHE A 225 14.82 -8.87 -4.32
C PHE A 225 13.71 -9.72 -4.92
N PRO A 226 13.90 -10.17 -6.20
CA PRO A 226 12.92 -10.97 -6.91
C PRO A 226 13.00 -12.46 -6.57
N GLY A 227 12.79 -12.77 -5.29
CA GLY A 227 12.82 -14.14 -4.80
C GLY A 227 11.68 -14.95 -5.38
N THR A 228 12.01 -16.12 -5.91
CA THR A 228 11.06 -17.03 -6.57
C THR A 228 10.19 -17.83 -5.57
N ASP A 229 10.43 -17.63 -4.28
CA ASP A 229 9.66 -18.25 -3.19
C ASP A 229 10.14 -17.67 -1.84
N HIS A 230 9.48 -18.06 -0.75
CA HIS A 230 9.80 -17.47 0.55
C HIS A 230 11.23 -17.73 1.05
N ILE A 231 11.83 -18.85 0.61
CA ILE A 231 13.20 -19.22 1.01
C ILE A 231 14.25 -18.54 0.11
N ASP A 232 13.93 -18.44 -1.18
CA ASP A 232 14.78 -17.74 -2.14
C ASP A 232 14.78 -16.23 -1.85
N GLN A 233 13.62 -15.72 -1.43
CA GLN A 233 13.47 -14.32 -1.07
C GLN A 233 14.52 -13.91 -0.05
N TRP A 234 14.71 -14.76 0.95
CA TRP A 234 15.71 -14.50 1.98
C TRP A 234 17.12 -14.44 1.39
N ASN A 235 17.45 -15.42 0.55
CA ASN A 235 18.76 -15.50 -0.12
C ASN A 235 19.08 -14.21 -0.88
N LYS A 236 18.14 -13.75 -1.71
CA LYS A 236 18.26 -12.48 -2.44
C LYS A 236 18.73 -11.32 -1.55
N VAL A 237 18.16 -11.22 -0.34
CA VAL A 237 18.42 -10.11 0.60
C VAL A 237 19.83 -10.15 1.17
N ILE A 238 20.25 -11.30 1.69
CA ILE A 238 21.57 -11.42 2.31
C ILE A 238 22.70 -11.38 1.29
N GLU A 239 22.45 -11.90 0.09
CA GLU A 239 23.42 -11.77 -1.03
C GLU A 239 23.79 -10.31 -1.23
N GLN A 240 22.78 -9.44 -1.31
CA GLN A 240 22.98 -8.02 -1.61
C GLN A 240 23.26 -7.13 -0.41
N LEU A 241 22.69 -7.47 0.75
CA LEU A 241 22.91 -6.65 1.93
C LEU A 241 23.96 -7.23 2.90
N GLY A 242 24.11 -8.54 2.88
CA GLY A 242 25.10 -9.20 3.73
C GLY A 242 24.47 -9.79 4.96
N THR A 243 24.89 -11.01 5.30
CA THR A 243 24.36 -11.71 6.48
C THR A 243 24.27 -10.75 7.67
N PRO A 244 23.08 -10.67 8.31
CA PRO A 244 22.90 -9.83 9.50
C PRO A 244 23.75 -10.28 10.70
N CYS A 245 23.97 -9.36 11.64
CA CYS A 245 24.78 -9.56 12.84
C CYS A 245 24.28 -10.67 13.77
N PRO A 246 25.18 -11.28 14.57
CA PRO A 246 24.80 -12.35 15.51
C PRO A 246 23.73 -11.94 16.55
N GLU A 247 23.74 -10.67 16.96
CA GLU A 247 22.69 -10.11 17.83
C GLU A 247 21.28 -10.16 17.18
N PHE A 248 21.20 -9.88 15.88
CA PHE A 248 19.95 -10.04 15.14
C PHE A 248 19.54 -11.51 15.10
N MET A 249 20.54 -12.37 14.89
CA MET A 249 20.34 -13.82 14.78
C MET A 249 19.60 -14.40 15.99
N LYS A 250 19.90 -13.85 17.18
CA LYS A 250 19.26 -14.25 18.44
C LYS A 250 17.75 -14.07 18.41
N LYS A 251 17.29 -12.88 18.04
CA LYS A 251 15.85 -12.54 17.99
C LYS A 251 14.98 -13.53 17.22
N LEU A 252 15.59 -14.43 16.46
CA LEU A 252 14.88 -15.42 15.67
C LEU A 252 14.39 -16.64 16.46
N GLN A 253 13.51 -17.43 15.85
CA GLN A 253 12.99 -18.66 16.44
C GLN A 253 14.05 -19.77 16.57
N PRO A 254 13.67 -20.96 17.10
CA PRO A 254 14.64 -22.06 17.07
C PRO A 254 14.88 -22.54 15.64
N THR A 255 13.82 -23.01 15.00
CA THR A 255 13.85 -23.57 13.64
C THR A 255 14.49 -22.69 12.54
N VAL A 256 13.93 -21.49 12.33
CA VAL A 256 14.37 -20.58 11.25
C VAL A 256 15.78 -20.01 11.47
N ARG A 257 16.08 -19.68 12.73
CA ARG A 257 17.42 -19.28 13.14
C ARG A 257 18.45 -20.32 12.69
N THR A 258 18.13 -21.60 12.91
CA THR A 258 18.99 -22.69 12.46
C THR A 258 19.38 -22.47 11.00
N TYR A 259 18.37 -22.35 10.15
CA TYR A 259 18.60 -22.15 8.72
C TYR A 259 19.42 -20.89 8.45
N VAL A 260 18.83 -19.73 8.79
CA VAL A 260 19.45 -18.41 8.60
C VAL A 260 20.92 -18.39 9.03
N GLU A 261 21.19 -18.95 10.21
CA GLU A 261 22.54 -18.99 10.80
C GLU A 261 23.46 -20.02 10.11
N ASN A 262 22.86 -21.02 9.47
CA ASN A 262 23.59 -22.03 8.70
C ASN A 262 23.71 -21.71 7.21
N ARG A 263 23.02 -20.66 6.77
CA ARG A 263 23.24 -20.07 5.45
C ARG A 263 24.68 -19.57 5.34
N PRO A 264 25.30 -19.70 4.14
CA PRO A 264 26.67 -19.22 3.98
C PRO A 264 26.76 -17.72 4.23
N LYS A 265 27.80 -17.30 4.95
CA LYS A 265 28.06 -15.90 5.19
C LYS A 265 28.22 -15.15 3.87
N TYR A 266 27.52 -14.02 3.75
CA TYR A 266 27.77 -13.06 2.68
C TYR A 266 28.15 -11.74 3.34
N ALA A 267 29.11 -11.04 2.76
CA ALA A 267 29.48 -9.73 3.26
C ALA A 267 28.58 -8.66 2.67
N GLY A 268 27.89 -8.99 1.58
CA GLY A 268 27.01 -8.06 0.87
C GLY A 268 27.79 -6.98 0.16
N TYR A 269 27.09 -6.09 -0.54
CA TYR A 269 27.75 -5.04 -1.32
C TYR A 269 27.50 -3.67 -0.70
N SER A 270 28.44 -2.75 -0.88
CA SER A 270 28.24 -1.37 -0.42
C SER A 270 27.13 -0.71 -1.26
N PHE A 271 26.57 0.38 -0.72
CA PHE A 271 25.45 1.05 -1.39
C PHE A 271 25.87 1.79 -2.66
N GLU A 272 27.15 2.15 -2.74
CA GLU A 272 27.75 2.71 -3.95
C GLU A 272 27.72 1.70 -5.10
N LYS A 273 28.03 0.43 -4.80
CA LYS A 273 27.97 -0.65 -5.80
C LYS A 273 26.54 -1.06 -6.09
N LEU A 274 25.69 -1.06 -5.06
CA LEU A 274 24.29 -1.42 -5.22
C LEU A 274 23.52 -0.35 -6.02
N PHE A 275 23.93 0.91 -5.87
CA PHE A 275 23.29 2.03 -6.58
C PHE A 275 24.33 3.08 -7.06
N PRO A 276 25.05 2.77 -8.16
CA PRO A 276 26.06 3.68 -8.74
C PRO A 276 25.48 4.89 -9.47
N ASP A 277 26.31 5.94 -9.64
CA ASP A 277 25.92 7.22 -10.26
C ASP A 277 25.25 7.07 -11.62
N VAL A 278 25.73 6.09 -12.39
CA VAL A 278 25.19 5.74 -13.70
C VAL A 278 23.66 5.62 -13.73
N LEU A 279 23.06 5.29 -12.59
CA LEU A 279 21.61 5.06 -12.52
C LEU A 279 20.81 6.34 -12.26
N PHE A 280 21.50 7.40 -11.83
CA PHE A 280 20.85 8.66 -11.45
C PHE A 280 20.93 9.75 -12.54
N PRO A 281 19.84 10.53 -12.70
CA PRO A 281 19.91 11.67 -13.64
C PRO A 281 20.87 12.77 -13.18
N LEU A 289 24.80 16.02 -6.08
CA LEU A 289 24.55 15.97 -4.61
C LEU A 289 23.32 15.10 -4.30
N LYS A 290 22.29 15.23 -5.14
CA LYS A 290 21.02 14.52 -4.94
C LYS A 290 21.17 12.99 -5.03
N ALA A 291 21.94 12.52 -6.01
CA ALA A 291 22.26 11.09 -6.09
C ALA A 291 22.86 10.59 -4.77
N SER A 292 23.72 11.41 -4.16
CA SER A 292 24.40 11.07 -2.91
C SER A 292 23.44 10.92 -1.73
N GLN A 293 22.43 11.79 -1.66
CA GLN A 293 21.42 11.75 -0.61
C GLN A 293 20.42 10.62 -0.83
N ALA A 294 19.96 10.45 -2.07
CA ALA A 294 19.15 9.32 -2.46
C ALA A 294 19.73 8.02 -1.90
N ARG A 295 21.03 7.81 -2.16
CA ARG A 295 21.76 6.63 -1.67
C ARG A 295 21.78 6.53 -0.14
N ASP A 296 22.02 7.67 0.50
CA ASP A 296 22.06 7.70 1.95
C ASP A 296 20.69 7.24 2.52
N LEU A 297 19.58 7.75 1.97
CA LEU A 297 18.24 7.36 2.45
C LEU A 297 17.98 5.86 2.33
N LEU A 298 18.32 5.32 1.15
CA LEU A 298 18.21 3.89 0.87
C LEU A 298 18.99 3.04 1.88
N SER A 299 20.20 3.46 2.22
CA SER A 299 21.05 2.73 3.15
C SER A 299 20.46 2.71 4.57
N LYS A 300 19.54 3.63 4.81
CA LYS A 300 18.89 3.74 6.12
C LYS A 300 17.53 3.05 6.14
N MET A 301 16.95 2.87 4.96
CA MET A 301 15.66 2.17 4.78
C MET A 301 15.83 0.68 4.57
N LEU A 302 16.82 0.29 3.78
CA LEU A 302 17.01 -1.11 3.45
C LEU A 302 17.98 -1.78 4.43
N VAL A 303 17.53 -1.91 5.67
CA VAL A 303 18.34 -2.40 6.75
C VAL A 303 17.57 -3.55 7.38
N ILE A 304 18.11 -4.77 7.26
CA ILE A 304 17.47 -5.99 7.74
C ILE A 304 16.98 -5.90 9.20
N ASP A 305 17.83 -5.38 10.08
CA ASP A 305 17.53 -5.27 11.51
C ASP A 305 16.64 -4.06 11.78
N ALA A 306 15.36 -4.32 12.07
CA ALA A 306 14.39 -3.22 12.26
C ALA A 306 14.81 -2.22 13.34
N SER A 307 15.54 -2.69 14.36
CA SER A 307 15.97 -1.82 15.45
C SER A 307 17.03 -0.80 15.03
N LYS A 308 17.57 -0.95 13.81
CA LYS A 308 18.51 0.05 13.23
C LYS A 308 18.01 0.75 11.95
N ARG A 309 16.84 0.36 11.46
CA ARG A 309 16.23 0.94 10.26
C ARG A 309 15.62 2.31 10.59
N ILE A 310 15.82 3.28 9.69
CA ILE A 310 15.28 4.62 9.88
C ILE A 310 13.77 4.55 10.11
N SER A 311 13.19 5.52 10.83
CA SER A 311 11.73 5.61 11.05
C SER A 311 11.05 6.47 9.98
N VAL A 312 9.71 6.48 9.99
CA VAL A 312 8.91 7.35 9.09
C VAL A 312 9.14 8.84 9.30
N ASP A 313 9.12 9.29 10.56
CA ASP A 313 9.38 10.70 10.88
C ASP A 313 10.75 11.15 10.45
N GLU A 314 11.75 10.34 10.77
CA GLU A 314 13.14 10.67 10.45
C GLU A 314 13.35 10.66 8.92
N ALA A 315 12.60 9.80 8.21
CA ALA A 315 12.66 9.80 6.75
C ALA A 315 11.94 11.01 6.11
N LEU A 316 10.83 11.46 6.69
CA LEU A 316 10.20 12.70 6.19
C LEU A 316 11.11 13.91 6.40
N GLN A 317 12.06 13.77 7.33
CA GLN A 317 12.98 14.85 7.66
C GLN A 317 14.30 14.74 6.95
N HIS A 318 14.57 13.57 6.37
CA HIS A 318 15.78 13.37 5.57
C HIS A 318 15.88 14.46 4.51
N PRO A 319 17.11 14.96 4.26
CA PRO A 319 17.32 16.02 3.28
C PRO A 319 16.66 15.78 1.91
N TYR A 320 16.74 14.56 1.39
CA TYR A 320 16.12 14.20 0.09
C TYR A 320 14.59 14.34 0.04
N ILE A 321 13.92 14.09 1.16
CA ILE A 321 12.46 14.13 1.22
C ILE A 321 11.96 15.48 1.73
N ASN A 322 12.66 16.04 2.73
CA ASN A 322 12.17 17.22 3.45
C ASN A 322 11.92 18.48 2.63
N VAL A 323 12.50 18.56 1.43
CA VAL A 323 12.30 19.70 0.53
C VAL A 323 10.82 20.04 0.28
N TRP A 324 9.93 19.06 0.45
CA TRP A 324 8.52 19.25 0.14
C TRP A 324 7.62 19.48 1.35
N TYR A 325 8.19 19.40 2.55
CA TYR A 325 7.44 19.37 3.80
C TYR A 325 6.32 20.41 3.89
N ASP A 326 5.31 20.04 4.66
CA ASP A 326 4.16 20.89 4.94
C ASP A 326 3.41 20.15 6.05
N PRO A 327 3.56 20.63 7.31
CA PRO A 327 2.91 20.06 8.51
C PRO A 327 1.39 19.79 8.42
N SER A 328 0.69 20.41 7.46
CA SER A 328 -0.73 20.08 7.28
C SER A 328 -0.90 18.72 6.59
N GLU A 329 0.14 18.27 5.86
CA GLU A 329 0.14 16.98 5.16
C GLU A 329 0.91 15.92 5.95
N ALA A 330 2.06 16.30 6.47
CA ALA A 330 2.99 15.36 7.09
C ALA A 330 2.88 15.32 8.61
N GLU A 331 1.76 15.80 9.16
CA GLU A 331 1.58 15.82 10.61
C GLU A 331 0.14 15.63 11.11
N ALA A 332 -0.84 15.86 10.23
CA ALA A 332 -2.30 15.81 10.56
C ALA A 332 -2.72 14.86 11.71
N PRO A 333 -3.61 15.33 12.64
CA PRO A 333 -3.98 14.58 13.86
C PRO A 333 -4.71 13.24 13.59
N PRO A 334 -4.42 12.19 14.39
CA PRO A 334 -4.98 10.83 14.23
C PRO A 334 -6.52 10.74 14.31
N ARG A 345 -14.90 -8.17 18.54
CA ARG A 345 -14.83 -9.55 19.12
C ARG A 345 -15.58 -10.58 18.27
N GLU A 346 -16.25 -11.55 18.91
CA GLU A 346 -16.86 -12.66 18.17
C GLU A 346 -18.36 -12.52 17.90
N HIS A 347 -18.78 -12.87 16.68
CA HIS A 347 -20.20 -12.81 16.31
C HIS A 347 -20.67 -13.91 15.37
N THR A 348 -21.96 -14.20 15.43
CA THR A 348 -22.60 -15.05 14.45
C THR A 348 -22.67 -14.33 13.11
N ILE A 349 -22.93 -15.10 12.06
CA ILE A 349 -23.03 -14.54 10.75
C ILE A 349 -24.20 -13.58 10.72
N GLU A 350 -25.30 -13.99 11.36
CA GLU A 350 -26.50 -13.19 11.45
C GLU A 350 -26.24 -11.86 12.20
N GLU A 351 -25.43 -11.92 13.25
CA GLU A 351 -24.98 -10.70 13.91
C GLU A 351 -24.06 -9.82 13.05
N TRP A 352 -23.17 -10.44 12.26
CA TRP A 352 -22.25 -9.69 11.42
C TRP A 352 -23.05 -8.95 10.35
N LYS A 353 -23.96 -9.68 9.71
CA LYS A 353 -24.87 -9.11 8.75
C LYS A 353 -25.53 -7.86 9.34
N GLU A 354 -26.03 -7.93 10.57
CA GLU A 354 -26.68 -6.76 11.16
C GLU A 354 -25.73 -5.60 11.34
N LEU A 355 -24.53 -5.85 11.81
CA LEU A 355 -23.58 -4.77 12.04
C LEU A 355 -23.12 -4.08 10.75
N ILE A 356 -23.05 -4.85 9.68
CA ILE A 356 -22.61 -4.37 8.39
C ILE A 356 -23.76 -3.59 7.77
N TYR A 357 -24.96 -4.15 7.82
CA TYR A 357 -26.13 -3.41 7.36
C TYR A 357 -26.24 -2.02 8.03
N LYS A 358 -26.10 -1.98 9.35
CA LYS A 358 -26.14 -0.70 10.09
C LYS A 358 -25.02 0.24 9.67
N GLU A 359 -23.84 -0.32 9.35
CA GLU A 359 -22.73 0.48 8.92
C GLU A 359 -22.93 1.06 7.52
N VAL A 360 -23.83 0.46 6.75
CA VAL A 360 -24.18 0.96 5.43
C VAL A 360 -25.20 2.08 5.55
N MET A 361 -26.14 1.93 6.49
CA MET A 361 -27.20 2.93 6.73
C MET A 361 -26.74 4.20 7.50
N PRO B 2 11.94 24.38 -4.23
CA PRO B 2 11.44 24.06 -5.57
C PRO B 2 9.91 24.02 -5.67
N LYS B 3 9.39 24.25 -6.87
CA LYS B 3 7.97 24.09 -7.17
C LYS B 3 7.62 22.61 -7.19
N ARG B 4 6.40 22.29 -6.76
CA ARG B 4 5.93 20.91 -6.78
C ARG B 4 5.55 20.51 -8.19
N PRO B 5 6.03 19.34 -8.64
CA PRO B 5 5.67 18.80 -9.95
C PRO B 5 4.14 18.76 -10.13
N THR B 6 3.66 19.15 -11.30
CA THR B 6 2.22 19.15 -11.61
C THR B 6 1.87 18.20 -12.76
N THR B 7 2.86 17.44 -13.21
CA THR B 7 2.67 16.54 -14.34
C THR B 7 3.42 15.24 -14.07
N LEU B 8 2.86 14.14 -14.57
CA LEU B 8 3.49 12.85 -14.51
C LEU B 8 3.07 12.11 -15.73
N ASN B 9 4.04 11.69 -16.55
CA ASN B 9 3.70 11.03 -17.79
C ASN B 9 3.20 9.63 -17.54
N LEU B 10 1.93 9.41 -17.90
CA LEU B 10 1.31 8.10 -17.82
C LEU B 10 1.57 7.30 -19.08
#